data_3D9R
#
_entry.id   3D9R
#
_cell.length_a   115.998
_cell.length_b   135.416
_cell.length_c   139.164
_cell.angle_alpha   90.000
_cell.angle_beta   90.000
_cell.angle_gamma   90.000
#
_symmetry.space_group_name_H-M   'C 2 2 21'
#
loop_
_entity.id
_entity.type
_entity.pdbx_description
1 polymer 'ketosteroid isomerase-like protein'
2 non-polymer 'SODIUM ION'
3 non-polymer 'UNKNOWN LIGAND'
4 non-polymer GLYCEROL
5 water water
#
_entity_poly.entity_id   1
_entity_poly.type   'polypeptide(L)'
_entity_poly.pdbx_seq_one_letter_code
;G(MSE)SKIFNEELAVIEAAAIAYLTAFNRADIPAVIATYTDDGVL(MSE)GPGRPAAVGKDELAEVYLSVFETVGFD
(MSE)AYEIKEVVQTSADWAFVRSATEGTETNKATGVVTPAAYQELFLLRKSATGSWQTARYCTSKISP
;
_entity_poly.pdbx_strand_id   A,B,C,D
#
# COMPACT_ATOMS: atom_id res chain seq x y z
N LYS A 4 31.13 22.64 -18.37
CA LYS A 4 29.99 21.86 -18.95
C LYS A 4 30.11 21.81 -20.49
N ILE A 5 29.63 20.69 -21.05
CA ILE A 5 29.69 20.40 -22.50
C ILE A 5 28.50 21.03 -23.27
N PHE A 6 27.28 20.74 -22.76
CA PHE A 6 25.99 21.30 -23.20
C PHE A 6 25.17 21.71 -21.96
N ASN A 7 24.48 22.85 -22.04
CA ASN A 7 23.69 23.40 -20.90
C ASN A 7 22.32 22.82 -20.77
N GLU A 8 21.88 22.13 -21.82
CA GLU A 8 20.60 21.46 -21.78
C GLU A 8 20.80 20.20 -21.00
N GLU A 9 20.26 20.17 -19.79
CA GLU A 9 20.33 18.99 -18.94
C GLU A 9 19.77 17.77 -19.60
N LEU A 10 18.77 17.94 -20.47
CA LEU A 10 18.17 16.78 -21.14
C LEU A 10 19.19 16.02 -21.99
N ALA A 11 20.07 16.76 -22.66
CA ALA A 11 21.19 16.17 -23.42
C ALA A 11 22.18 15.41 -22.53
N VAL A 12 22.50 15.98 -21.36
CA VAL A 12 23.33 15.32 -20.35
C VAL A 12 22.70 14.01 -19.86
N ILE A 13 21.39 14.03 -19.64
CA ILE A 13 20.65 12.86 -19.17
C ILE A 13 20.70 11.77 -20.26
N GLU A 14 20.43 12.16 -21.51
CA GLU A 14 20.43 11.23 -22.64
C GLU A 14 21.82 10.65 -22.85
N ALA A 15 22.81 11.51 -22.74
CA ALA A 15 24.20 11.11 -22.76
C ALA A 15 24.54 9.94 -21.80
N ALA A 16 24.05 10.04 -20.58
CA ALA A 16 24.25 9.05 -19.51
C ALA A 16 23.64 7.68 -19.85
N ALA A 17 22.45 7.69 -20.43
CA ALA A 17 21.78 6.47 -20.87
C ALA A 17 22.53 5.84 -22.05
N ILE A 18 22.96 6.67 -22.99
CA ILE A 18 23.72 6.19 -24.15
C ILE A 18 25.07 5.61 -23.71
N ALA A 19 25.72 6.22 -22.70
CA ALA A 19 26.97 5.67 -22.15
C ALA A 19 26.78 4.25 -21.62
N TYR A 20 25.61 3.94 -21.04
CA TYR A 20 25.33 2.57 -20.58
C TYR A 20 25.20 1.62 -21.78
N LEU A 21 24.35 2.01 -22.72
CA LEU A 21 24.04 1.18 -23.89
C LEU A 21 25.28 0.85 -24.71
N THR A 22 26.18 1.82 -24.88
CA THR A 22 27.43 1.61 -25.59
C THR A 22 28.42 0.75 -24.76
N ALA A 23 28.51 1.03 -23.46
CA ALA A 23 29.28 0.19 -22.54
C ALA A 23 28.79 -1.25 -22.57
N PHE A 24 27.46 -1.43 -22.59
CA PHE A 24 26.88 -2.76 -22.65
C PHE A 24 27.24 -3.43 -23.97
N ASN A 25 27.06 -2.71 -25.08
CA ASN A 25 27.39 -3.26 -26.40
C ASN A 25 28.88 -3.61 -26.61
N ARG A 26 29.76 -2.91 -25.90
CA ARG A 26 31.19 -3.25 -25.86
C ARG A 26 31.49 -4.34 -24.83
N ALA A 27 30.48 -4.83 -24.10
CA ALA A 27 30.67 -5.82 -23.04
C ALA A 27 31.73 -5.33 -22.03
N ASP A 28 31.65 -4.05 -21.67
CA ASP A 28 32.61 -3.42 -20.76
C ASP A 28 31.99 -3.34 -19.37
N ILE A 29 32.28 -4.33 -18.53
CA ILE A 29 31.54 -4.51 -17.27
C ILE A 29 31.87 -3.39 -16.28
N PRO A 30 33.16 -3.03 -16.08
CA PRO A 30 33.45 -1.92 -15.17
C PRO A 30 32.74 -0.62 -15.61
N ALA A 31 32.75 -0.34 -16.91
CA ALA A 31 32.09 0.86 -17.45
C ALA A 31 30.58 0.78 -17.21
N VAL A 32 29.99 -0.39 -17.46
CA VAL A 32 28.58 -0.67 -17.08
C VAL A 32 28.28 -0.48 -15.57
N ILE A 33 29.10 -1.07 -14.70
CA ILE A 33 28.88 -0.92 -13.25
C ILE A 33 28.92 0.56 -12.82
N ALA A 34 29.84 1.31 -13.41
CA ALA A 34 30.09 2.69 -13.03
C ALA A 34 28.97 3.66 -13.39
N THR A 35 28.08 3.27 -14.30
CA THR A 35 26.93 4.10 -14.67
C THR A 35 25.83 4.07 -13.63
N TYR A 36 25.89 3.10 -12.72
CA TYR A 36 24.86 2.92 -11.69
C TYR A 36 25.19 3.67 -10.40
N THR A 37 24.14 4.05 -9.66
CA THR A 37 24.33 4.46 -8.28
C THR A 37 24.80 3.24 -7.44
N ASP A 38 25.28 3.51 -6.23
CA ASP A 38 25.80 2.46 -5.38
C ASP A 38 24.72 1.46 -4.99
N ASP A 39 23.49 1.96 -4.85
CA ASP A 39 22.35 1.12 -4.54
C ASP A 39 21.48 0.82 -5.76
N GLY A 40 22.10 0.83 -6.95
CA GLY A 40 21.41 0.62 -8.21
C GLY A 40 20.75 -0.74 -8.30
N VAL A 41 19.58 -0.78 -8.97
CA VAL A 41 18.84 -2.00 -9.21
C VAL A 41 18.72 -2.31 -10.71
N LEU A 42 19.08 -3.55 -11.08
CA LEU A 42 18.80 -4.08 -12.41
C LEU A 42 17.70 -5.11 -12.33
N GLY A 44 15.89 -7.56 -15.04
CA GLY A 44 16.06 -8.11 -16.37
C GLY A 44 15.45 -9.50 -16.40
N PRO A 45 15.24 -10.06 -17.59
CA PRO A 45 14.51 -11.33 -17.67
C PRO A 45 15.32 -12.54 -17.19
N GLY A 46 14.63 -13.51 -16.62
CA GLY A 46 15.23 -14.76 -16.16
C GLY A 46 15.96 -14.69 -14.84
N ARG A 47 16.03 -13.51 -14.24
CA ARG A 47 16.78 -13.27 -13.01
C ARG A 47 15.99 -12.38 -12.09
N PRO A 48 16.05 -12.63 -10.77
CA PRO A 48 15.60 -11.68 -9.76
C PRO A 48 16.35 -10.35 -9.79
N ALA A 49 15.77 -9.31 -9.21
CA ALA A 49 16.39 -7.99 -9.13
C ALA A 49 17.80 -8.08 -8.55
N ALA A 50 18.79 -7.48 -9.20
CA ALA A 50 20.15 -7.32 -8.63
C ALA A 50 20.26 -5.93 -7.98
N VAL A 51 20.55 -5.91 -6.68
CA VAL A 51 20.48 -4.68 -5.88
C VAL A 51 21.85 -4.35 -5.30
N GLY A 52 22.46 -3.28 -5.78
CA GLY A 52 23.80 -2.87 -5.36
C GLY A 52 24.84 -3.28 -6.39
N LYS A 53 25.98 -2.61 -6.39
CA LYS A 53 27.01 -2.87 -7.39
C LYS A 53 27.60 -4.29 -7.30
N ASP A 54 27.71 -4.83 -6.10
CA ASP A 54 28.17 -6.20 -5.95
C ASP A 54 27.26 -7.17 -6.71
N GLU A 55 25.95 -7.05 -6.51
CA GLU A 55 24.99 -7.93 -7.20
C GLU A 55 24.90 -7.63 -8.69
N LEU A 56 24.99 -6.36 -9.07
CA LEU A 56 25.02 -5.95 -10.48
C LEU A 56 26.20 -6.57 -11.25
N ALA A 57 27.38 -6.54 -10.62
CA ALA A 57 28.60 -7.13 -11.15
C ALA A 57 28.41 -8.62 -11.45
N GLU A 58 27.97 -9.36 -10.45
CA GLU A 58 27.69 -10.78 -10.59
C GLU A 58 26.76 -11.07 -11.79
N VAL A 59 25.70 -10.30 -11.97
CA VAL A 59 24.74 -10.57 -13.03
C VAL A 59 25.29 -10.29 -14.44
N TYR A 60 25.90 -9.13 -14.59
CA TYR A 60 26.52 -8.75 -15.84
C TYR A 60 27.67 -9.72 -16.20
N LEU A 61 28.46 -10.12 -15.21
CA LEU A 61 29.45 -11.16 -15.44
C LEU A 61 28.80 -12.37 -16.08
N SER A 62 27.75 -12.84 -15.43
CA SER A 62 27.04 -14.04 -15.87
C SER A 62 26.38 -13.88 -17.24
N VAL A 63 25.76 -12.74 -17.48
CA VAL A 63 25.16 -12.44 -18.79
C VAL A 63 26.23 -12.53 -19.89
N PHE A 64 27.33 -11.79 -19.74
CA PHE A 64 28.40 -11.82 -20.76
C PHE A 64 29.20 -13.15 -20.83
N GLU A 65 29.21 -13.94 -19.76
CA GLU A 65 29.74 -15.31 -19.81
C GLU A 65 28.88 -16.23 -20.70
N THR A 66 27.57 -15.95 -20.74
CA THR A 66 26.60 -16.84 -21.37
C THR A 66 26.27 -16.41 -22.80
N VAL A 67 26.19 -15.10 -23.04
CA VAL A 67 25.69 -14.59 -24.32
C VAL A 67 26.55 -13.47 -24.90
N GLY A 68 26.66 -13.47 -26.22
CA GLY A 68 27.28 -12.37 -26.97
C GLY A 68 26.20 -11.54 -27.64
N PHE A 69 26.12 -10.26 -27.30
CA PHE A 69 25.12 -9.37 -27.87
C PHE A 69 25.75 -8.53 -28.93
N ASP A 70 25.04 -8.35 -30.05
CA ASP A 70 25.46 -7.43 -31.12
C ASP A 70 24.26 -6.54 -31.41
N ALA A 72 22.09 -2.60 -31.71
CA ALA A 72 21.96 -1.20 -32.01
C ALA A 72 20.88 -0.67 -31.08
N TYR A 73 21.05 0.57 -30.60
CA TYR A 73 20.09 1.21 -29.70
C TYR A 73 19.34 2.34 -30.38
N GLU A 74 18.15 2.62 -29.86
CA GLU A 74 17.40 3.84 -30.17
C GLU A 74 16.84 4.45 -28.89
N ILE A 75 16.99 5.76 -28.73
CA ILE A 75 16.42 6.46 -27.58
C ILE A 75 15.02 6.87 -27.97
N LYS A 76 14.02 6.46 -27.19
CA LYS A 76 12.62 6.75 -27.46
C LYS A 76 12.11 8.00 -26.75
N GLU A 77 12.55 8.22 -25.50
CA GLU A 77 12.22 9.44 -24.80
C GLU A 77 13.18 9.77 -23.70
N VAL A 78 13.35 11.07 -23.45
CA VAL A 78 14.18 11.58 -22.36
C VAL A 78 13.31 12.59 -21.64
N VAL A 79 13.09 12.36 -20.33
CA VAL A 79 12.25 13.26 -19.53
C VAL A 79 12.91 13.61 -18.19
N GLN A 80 13.02 14.91 -17.89
CA GLN A 80 13.49 15.35 -16.58
C GLN A 80 12.27 15.66 -15.76
N THR A 81 12.12 15.00 -14.61
CA THR A 81 10.93 15.11 -13.79
C THR A 81 11.14 16.12 -12.63
N SER A 82 12.38 16.25 -12.17
CA SER A 82 12.76 17.25 -11.20
C SER A 82 14.25 17.50 -11.34
N ALA A 83 14.79 18.39 -10.50
CA ALA A 83 16.18 18.83 -10.60
C ALA A 83 17.17 17.67 -10.62
N ASP A 84 16.91 16.68 -9.80
CA ASP A 84 17.84 15.56 -9.65
C ASP A 84 17.31 14.26 -10.18
N TRP A 85 16.15 14.25 -10.84
CA TRP A 85 15.54 13.00 -11.31
C TRP A 85 15.05 13.07 -12.74
N ALA A 86 15.24 11.96 -13.46
CA ALA A 86 14.86 11.88 -14.86
C ALA A 86 14.59 10.44 -15.23
N PHE A 87 13.91 10.25 -16.36
CA PHE A 87 13.85 8.93 -16.98
C PHE A 87 14.12 8.94 -18.48
N VAL A 88 14.60 7.79 -18.95
CA VAL A 88 14.89 7.56 -20.36
C VAL A 88 14.28 6.21 -20.78
N ARG A 89 13.66 6.17 -21.94
CA ARG A 89 13.15 4.92 -22.46
C ARG A 89 13.87 4.67 -23.77
N SER A 90 14.37 3.46 -23.94
CA SER A 90 15.12 3.10 -25.14
C SER A 90 14.70 1.73 -25.66
N ALA A 91 15.23 1.36 -26.81
CA ALA A 91 15.06 0.03 -27.37
C ALA A 91 16.32 -0.39 -28.11
N THR A 92 16.59 -1.68 -28.07
CA THR A 92 17.73 -2.23 -28.74
C THR A 92 17.30 -3.42 -29.58
N GLU A 93 17.96 -3.60 -30.71
CA GLU A 93 17.75 -4.79 -31.50
C GLU A 93 19.03 -5.24 -32.20
N GLY A 94 19.07 -6.52 -32.50
CA GLY A 94 20.22 -7.13 -33.13
C GLY A 94 20.17 -8.64 -33.00
N THR A 95 21.34 -9.22 -32.71
CA THR A 95 21.46 -10.64 -32.53
C THR A 95 22.06 -10.92 -31.17
N GLU A 96 21.83 -12.14 -30.73
CA GLU A 96 22.32 -12.69 -29.49
C GLU A 96 22.97 -14.00 -29.89
N THR A 97 24.18 -14.28 -29.43
CA THR A 97 24.85 -15.56 -29.71
C THR A 97 25.10 -16.30 -28.41
N ASN A 98 24.55 -17.49 -28.29
CA ASN A 98 24.81 -18.33 -27.12
C ASN A 98 26.23 -18.84 -27.21
N LYS A 99 27.03 -18.59 -26.17
CA LYS A 99 28.46 -18.94 -26.21
C LYS A 99 28.71 -20.44 -26.05
N ALA A 100 27.80 -21.16 -25.41
CA ALA A 100 27.93 -22.61 -25.30
C ALA A 100 27.66 -23.29 -26.63
N THR A 101 26.47 -23.04 -27.17
CA THR A 101 25.95 -23.73 -28.35
C THR A 101 26.37 -23.09 -29.66
N GLY A 102 26.79 -21.82 -29.63
CA GLY A 102 27.15 -21.07 -30.82
C GLY A 102 25.96 -20.50 -31.60
N VAL A 103 24.73 -20.85 -31.17
CA VAL A 103 23.52 -20.49 -31.91
C VAL A 103 23.21 -18.98 -31.83
N VAL A 104 23.17 -18.34 -33.01
CA VAL A 104 22.87 -16.92 -33.14
C VAL A 104 21.38 -16.75 -33.39
N THR A 105 20.74 -15.87 -32.63
CA THR A 105 19.31 -15.63 -32.80
C THR A 105 18.95 -14.15 -32.70
N PRO A 106 17.91 -13.72 -33.43
CA PRO A 106 17.50 -12.31 -33.32
C PRO A 106 17.03 -11.93 -31.91
N ALA A 107 17.39 -10.73 -31.47
CA ALA A 107 16.97 -10.25 -30.15
C ALA A 107 16.56 -8.79 -30.27
N ALA A 108 15.48 -8.45 -29.58
CA ALA A 108 15.04 -7.06 -29.44
C ALA A 108 14.61 -6.93 -27.97
N TYR A 109 14.91 -5.77 -27.38
CA TYR A 109 14.64 -5.44 -25.97
C TYR A 109 14.13 -4.01 -25.88
N GLN A 110 13.46 -3.71 -24.77
CA GLN A 110 13.03 -2.36 -24.45
C GLN A 110 13.43 -2.09 -23.02
N GLU A 111 13.85 -0.84 -22.77
CA GLU A 111 14.51 -0.45 -21.55
C GLU A 111 13.97 0.84 -20.93
N LEU A 112 13.78 0.83 -19.60
CA LEU A 112 13.49 2.06 -18.84
C LEU A 112 14.61 2.32 -17.83
N PHE A 113 15.21 3.51 -17.95
CA PHE A 113 16.16 4.05 -16.99
C PHE A 113 15.48 5.07 -16.10
N LEU A 114 15.72 4.96 -14.80
CA LEU A 114 15.47 6.02 -13.83
C LEU A 114 16.83 6.55 -13.37
N LEU A 115 17.14 7.78 -13.74
CA LEU A 115 18.43 8.35 -13.44
C LEU A 115 18.28 9.38 -12.36
N ARG A 116 19.32 9.46 -11.54
CA ARG A 116 19.41 10.40 -10.44
C ARG A 116 20.75 11.16 -10.59
N LYS A 117 20.68 12.48 -10.46
CA LYS A 117 21.84 13.35 -10.49
C LYS A 117 22.55 13.28 -9.15
N SER A 118 23.86 13.03 -9.16
CA SER A 118 24.62 12.87 -7.92
C SER A 118 24.95 14.22 -7.27
N ALA A 119 25.54 14.15 -6.08
CA ALA A 119 25.99 15.37 -5.39
C ALA A 119 27.04 16.14 -6.22
N THR A 120 27.85 15.43 -7.00
CA THR A 120 28.85 16.06 -7.86
C THR A 120 28.35 16.45 -9.27
N GLY A 121 27.07 16.22 -9.56
CA GLY A 121 26.45 16.65 -10.82
C GLY A 121 26.32 15.59 -11.91
N SER A 122 26.80 14.37 -11.66
CA SER A 122 26.71 13.27 -12.63
C SER A 122 25.33 12.62 -12.63
N TRP A 123 24.79 12.35 -13.82
CA TRP A 123 23.59 11.53 -13.93
C TRP A 123 23.96 10.06 -13.91
N GLN A 124 23.39 9.34 -12.95
CA GLN A 124 23.59 7.90 -12.79
C GLN A 124 22.26 7.16 -12.81
N THR A 125 22.30 5.90 -13.23
CA THR A 125 21.12 5.04 -13.24
C THR A 125 20.84 4.54 -11.82
N ALA A 126 19.67 4.87 -11.31
CA ALA A 126 19.24 4.43 -9.99
C ALA A 126 18.50 3.09 -10.14
N ARG A 127 17.61 3.03 -11.11
CA ARG A 127 16.73 1.86 -11.32
C ARG A 127 16.67 1.60 -12.80
N TYR A 128 16.82 0.34 -13.19
CA TYR A 128 16.81 -0.04 -14.61
C TYR A 128 16.05 -1.34 -14.84
N CYS A 129 15.13 -1.31 -15.80
CA CYS A 129 14.30 -2.45 -16.20
CA CYS A 129 14.36 -2.49 -16.21
C CYS A 129 14.53 -2.71 -17.68
N THR A 130 14.74 -3.97 -18.05
CA THR A 130 14.79 -4.36 -19.45
C THR A 130 13.85 -5.56 -19.66
N SER A 131 13.11 -5.55 -20.76
CA SER A 131 12.18 -6.62 -21.09
CA SER A 131 12.17 -6.62 -21.09
C SER A 131 12.44 -7.04 -22.52
N LYS A 132 12.38 -8.35 -22.76
CA LYS A 132 12.65 -8.91 -24.08
C LYS A 132 11.39 -8.88 -24.93
N ILE A 133 11.44 -8.15 -26.04
CA ILE A 133 10.32 -8.09 -26.99
C ILE A 133 10.21 -9.38 -27.80
N SER A 134 11.35 -9.93 -28.19
CA SER A 134 11.35 -11.07 -29.10
C SER A 134 12.70 -11.80 -29.10
N PRO A 135 12.67 -13.13 -29.36
CA PRO A 135 11.44 -13.95 -29.46
C PRO A 135 10.83 -14.36 -28.11
N SER B 3 8.28 3.99 17.46
CA SER B 3 7.47 3.77 16.26
C SER B 3 7.96 4.43 14.97
N LYS B 4 7.85 3.69 13.87
CA LYS B 4 8.08 4.22 12.53
C LYS B 4 6.71 4.61 11.98
N ILE B 5 6.56 5.90 11.62
CA ILE B 5 5.40 6.44 10.90
C ILE B 5 5.74 6.48 9.42
N PHE B 6 4.77 6.13 8.58
CA PHE B 6 4.95 6.20 7.13
C PHE B 6 4.38 7.47 6.51
N ASN B 7 5.27 8.25 5.85
CA ASN B 7 4.88 9.47 5.08
C ASN B 7 3.55 9.22 4.38
N GLU B 8 2.64 10.16 4.61
CA GLU B 8 1.28 10.00 4.19
C GLU B 8 1.23 9.84 2.65
N GLU B 9 2.09 10.60 1.95
CA GLU B 9 2.15 10.61 0.49
C GLU B 9 2.72 9.29 -0.04
N LEU B 10 3.71 8.73 0.65
CA LEU B 10 4.21 7.38 0.31
C LEU B 10 3.13 6.31 0.45
N ALA B 11 2.30 6.40 1.49
CA ALA B 11 1.14 5.50 1.66
C ALA B 11 0.11 5.57 0.49
N VAL B 12 -0.10 6.78 -0.01
CA VAL B 12 -1.04 7.03 -1.10
C VAL B 12 -0.47 6.57 -2.45
N ILE B 13 0.84 6.76 -2.63
CA ILE B 13 1.58 6.27 -3.79
C ILE B 13 1.59 4.74 -3.86
N GLU B 14 1.89 4.07 -2.75
CA GLU B 14 1.85 2.62 -2.71
C GLU B 14 0.46 2.07 -3.04
N ALA B 15 -0.57 2.73 -2.51
CA ALA B 15 -1.96 2.38 -2.76
C ALA B 15 -2.30 2.47 -4.24
N ALA B 16 -1.77 3.47 -4.93
CA ALA B 16 -1.89 3.58 -6.39
C ALA B 16 -1.28 2.42 -7.20
N ALA B 17 -0.07 1.96 -6.83
CA ALA B 17 0.54 0.78 -7.46
C ALA B 17 -0.29 -0.49 -7.15
N ILE B 18 -0.70 -0.64 -5.91
CA ILE B 18 -1.52 -1.77 -5.50
C ILE B 18 -2.91 -1.78 -6.19
N ALA B 19 -3.47 -0.61 -6.47
CA ALA B 19 -4.71 -0.52 -7.24
C ALA B 19 -4.59 -1.23 -8.60
N TYR B 20 -3.43 -1.11 -9.26
CA TYR B 20 -3.09 -1.84 -10.49
C TYR B 20 -3.00 -3.35 -10.30
N LEU B 21 -2.16 -3.76 -9.35
CA LEU B 21 -1.90 -5.16 -9.07
C LEU B 21 -3.15 -5.94 -8.71
N THR B 22 -4.04 -5.33 -7.93
CA THR B 22 -5.32 -5.94 -7.59
C THR B 22 -6.27 -5.98 -8.80
N ALA B 23 -6.30 -4.91 -9.60
CA ALA B 23 -7.13 -4.88 -10.84
C ALA B 23 -6.60 -5.89 -11.85
N PHE B 24 -5.28 -5.99 -11.97
CA PHE B 24 -4.67 -6.98 -12.83
C PHE B 24 -5.01 -8.41 -12.39
N ASN B 25 -4.94 -8.67 -11.07
CA ASN B 25 -5.20 -10.01 -10.58
C ASN B 25 -6.68 -10.36 -10.59
N ARG B 26 -7.56 -9.37 -10.65
CA ARG B 26 -8.99 -9.60 -10.95
C ARG B 26 -9.25 -9.70 -12.46
N ALA B 27 -8.22 -9.49 -13.27
CA ALA B 27 -8.35 -9.39 -14.73
C ALA B 27 -9.39 -8.35 -15.14
N ASP B 28 -9.45 -7.23 -14.45
CA ASP B 28 -10.41 -6.17 -14.68
C ASP B 28 -9.72 -5.11 -15.54
N ILE B 29 -9.94 -5.17 -16.84
CA ILE B 29 -9.20 -4.39 -17.81
C ILE B 29 -9.54 -2.90 -17.72
N PRO B 30 -10.83 -2.56 -17.62
CA PRO B 30 -11.11 -1.13 -17.38
C PRO B 30 -10.48 -0.57 -16.10
N ALA B 31 -10.49 -1.32 -15.02
CA ALA B 31 -9.82 -0.88 -13.80
C ALA B 31 -8.32 -0.75 -14.02
N VAL B 32 -7.72 -1.69 -14.76
CA VAL B 32 -6.29 -1.60 -15.11
C VAL B 32 -5.95 -0.35 -15.93
N ILE B 33 -6.70 -0.13 -17.02
CA ILE B 33 -6.51 1.03 -17.89
C ILE B 33 -6.63 2.32 -17.12
N ALA B 34 -7.57 2.36 -16.19
CA ALA B 34 -7.87 3.58 -15.44
C ALA B 34 -6.74 3.98 -14.51
N THR B 35 -5.85 3.04 -14.18
CA THR B 35 -4.71 3.34 -13.32
C THR B 35 -3.61 4.11 -14.05
N TYR B 36 -3.64 4.10 -15.39
CA TYR B 36 -2.58 4.72 -16.21
C TYR B 36 -2.92 6.16 -16.56
N THR B 37 -1.88 6.97 -16.76
CA THR B 37 -2.04 8.31 -17.33
C THR B 37 -2.47 8.09 -18.78
N ASP B 38 -3.02 9.12 -19.40
CA ASP B 38 -3.51 9.03 -20.77
C ASP B 38 -2.40 8.71 -21.79
N ASP B 39 -1.20 9.18 -21.53
CA ASP B 39 -0.03 8.85 -22.35
C ASP B 39 0.84 7.71 -21.76
N GLY B 40 0.25 6.87 -20.91
CA GLY B 40 0.98 5.81 -20.22
C GLY B 40 1.59 4.77 -21.13
N VAL B 41 2.73 4.20 -20.70
CA VAL B 41 3.45 3.17 -21.47
C VAL B 41 3.60 1.87 -20.63
N LEU B 42 3.33 0.73 -21.29
CA LEU B 42 3.56 -0.61 -20.76
C LEU B 42 4.69 -1.28 -21.54
N GLY B 44 6.35 -4.91 -21.49
CA GLY B 44 6.17 -6.26 -20.97
C GLY B 44 6.78 -7.27 -21.90
N PRO B 45 6.90 -8.53 -21.45
CA PRO B 45 7.69 -9.50 -22.22
C PRO B 45 6.93 -9.99 -23.43
N GLY B 46 7.66 -10.18 -24.53
CA GLY B 46 7.09 -10.70 -25.76
C GLY B 46 6.35 -9.70 -26.63
N ARG B 47 6.23 -8.46 -26.16
CA ARG B 47 5.46 -7.42 -26.84
CA ARG B 47 5.51 -7.44 -26.90
C ARG B 47 6.25 -6.11 -26.85
N PRO B 48 6.15 -5.32 -27.93
CA PRO B 48 6.80 -4.03 -27.88
C PRO B 48 5.93 -3.07 -27.06
N ALA B 49 6.47 -1.91 -26.70
CA ALA B 49 5.79 -0.99 -25.79
C ALA B 49 4.41 -0.65 -26.30
N ALA B 50 3.46 -0.54 -25.37
CA ALA B 50 2.12 -0.09 -25.66
C ALA B 50 2.04 1.34 -25.13
N VAL B 51 1.69 2.28 -26.01
CA VAL B 51 1.75 3.72 -25.70
C VAL B 51 0.36 4.32 -25.84
N GLY B 52 -0.21 4.71 -24.70
CA GLY B 52 -1.54 5.31 -24.66
C GLY B 52 -2.60 4.30 -24.31
N LYS B 53 -3.76 4.79 -23.84
CA LYS B 53 -4.80 3.90 -23.31
C LYS B 53 -5.41 2.94 -24.34
N ASP B 54 -5.50 3.37 -25.61
CA ASP B 54 -5.97 2.50 -26.67
C ASP B 54 -5.04 1.30 -26.91
N GLU B 55 -3.74 1.55 -27.07
CA GLU B 55 -2.76 0.46 -27.19
C GLU B 55 -2.66 -0.40 -25.93
N LEU B 56 -2.81 0.22 -24.76
CA LEU B 56 -2.76 -0.51 -23.49
C LEU B 56 -3.92 -1.51 -23.39
N ALA B 57 -5.13 -1.02 -23.65
CA ALA B 57 -6.36 -1.84 -23.68
C ALA B 57 -6.19 -3.05 -24.61
N GLU B 58 -5.67 -2.82 -25.81
CA GLU B 58 -5.47 -3.89 -26.78
C GLU B 58 -4.53 -4.97 -26.24
N VAL B 59 -3.44 -4.57 -25.56
CA VAL B 59 -2.46 -5.55 -25.03
C VAL B 59 -3.02 -6.39 -23.88
N TYR B 60 -3.67 -5.73 -22.94
CA TYR B 60 -4.23 -6.41 -21.76
C TYR B 60 -5.37 -7.33 -22.16
N LEU B 61 -6.13 -6.93 -23.18
CA LEU B 61 -7.19 -7.77 -23.71
C LEU B 61 -6.57 -9.06 -24.25
N SER B 62 -5.51 -8.93 -25.03
CA SER B 62 -4.80 -10.09 -25.55
C SER B 62 -4.16 -10.97 -24.47
N VAL B 63 -3.66 -10.36 -23.40
CA VAL B 63 -3.06 -11.11 -22.29
C VAL B 63 -4.10 -11.99 -21.60
N PHE B 64 -5.23 -11.39 -21.24
CA PHE B 64 -6.28 -12.09 -20.49
C PHE B 64 -7.09 -13.06 -21.34
N GLU B 65 -7.09 -12.85 -22.65
CA GLU B 65 -7.63 -13.84 -23.57
C GLU B 65 -6.76 -15.10 -23.63
N THR B 66 -5.45 -14.91 -23.60
CA THR B 66 -4.49 -16.00 -23.79
C THR B 66 -4.19 -16.79 -22.50
N VAL B 67 -4.09 -16.05 -21.41
CA VAL B 67 -3.52 -16.57 -20.16
C VAL B 67 -4.34 -16.15 -18.93
N GLY B 68 -4.47 -17.09 -17.98
CA GLY B 68 -5.02 -16.80 -16.67
C GLY B 68 -3.91 -16.77 -15.61
N PHE B 69 -3.86 -15.68 -14.85
CA PHE B 69 -2.86 -15.51 -13.80
C PHE B 69 -3.48 -15.68 -12.42
N ASP B 70 -2.81 -16.42 -11.55
CA ASP B 70 -3.17 -16.43 -10.15
C ASP B 70 -1.93 -16.09 -9.33
N ALA B 72 0.23 -13.60 -6.23
CA ALA B 72 0.34 -12.73 -5.07
C ALA B 72 1.43 -11.70 -5.35
N TYR B 73 1.23 -10.47 -4.87
CA TYR B 73 2.22 -9.40 -5.05
C TYR B 73 2.94 -9.12 -3.75
N GLU B 74 4.12 -8.54 -3.86
CA GLU B 74 4.89 -8.04 -2.74
C GLU B 74 5.44 -6.66 -3.15
N ILE B 75 5.30 -5.66 -2.28
CA ILE B 75 5.89 -4.35 -2.50
C ILE B 75 7.31 -4.32 -1.97
N LYS B 76 8.25 -3.92 -2.84
CA LYS B 76 9.69 -4.01 -2.55
C LYS B 76 10.30 -2.67 -2.17
N GLU B 77 9.82 -1.60 -2.81
CA GLU B 77 10.16 -0.27 -2.40
C GLU B 77 9.16 0.77 -2.90
N VAL B 78 8.99 1.82 -2.10
CA VAL B 78 8.18 2.99 -2.45
C VAL B 78 9.02 4.24 -2.23
N VAL B 79 9.34 4.97 -3.31
CA VAL B 79 10.16 6.19 -3.23
C VAL B 79 9.49 7.37 -3.97
N GLN B 80 9.36 8.50 -3.29
CA GLN B 80 8.84 9.72 -3.88
C GLN B 80 10.06 10.54 -4.23
N THR B 81 10.21 10.92 -5.49
CA THR B 81 11.43 11.61 -5.91
C THR B 81 11.21 13.13 -5.98
N SER B 82 9.95 13.54 -6.11
CA SER B 82 9.58 14.96 -6.10
C SER B 82 8.08 15.08 -5.78
N ALA B 83 7.57 16.30 -5.74
CA ALA B 83 6.18 16.57 -5.37
C ALA B 83 5.20 15.74 -6.21
N ASP B 84 5.48 15.61 -7.51
CA ASP B 84 4.57 14.96 -8.47
C ASP B 84 5.06 13.65 -9.07
N TRP B 85 6.20 13.14 -8.63
CA TRP B 85 6.79 11.91 -9.21
C TRP B 85 7.25 10.94 -8.15
N ALA B 86 7.11 9.64 -8.46
CA ALA B 86 7.46 8.58 -7.54
C ALA B 86 7.73 7.28 -8.32
N PHE B 87 8.32 6.31 -7.64
CA PHE B 87 8.39 4.96 -8.15
C PHE B 87 8.13 3.93 -7.06
N VAL B 88 7.70 2.76 -7.54
CA VAL B 88 7.38 1.62 -6.71
C VAL B 88 8.01 0.42 -7.44
N ARG B 89 8.57 -0.49 -6.68
CA ARG B 89 9.06 -1.74 -7.22
C ARG B 89 8.33 -2.88 -6.52
N SER B 90 7.79 -3.79 -7.30
CA SER B 90 7.03 -4.91 -6.77
C SER B 90 7.53 -6.22 -7.38
N ALA B 91 7.02 -7.33 -6.86
CA ALA B 91 7.27 -8.65 -7.37
C ALA B 91 5.95 -9.40 -7.28
N THR B 92 5.63 -10.23 -8.26
CA THR B 92 4.42 -11.07 -8.21
C THR B 92 4.81 -12.51 -8.45
N GLU B 93 4.16 -13.44 -7.77
CA GLU B 93 4.42 -14.85 -8.01
C GLU B 93 3.18 -15.70 -7.82
N GLY B 94 3.13 -16.83 -8.50
CA GLY B 94 1.99 -17.74 -8.44
C GLY B 94 1.99 -18.61 -9.67
N THR B 95 0.82 -18.84 -10.25
CA THR B 95 0.71 -19.70 -11.43
C THR B 95 0.15 -18.94 -12.64
N GLU B 96 0.38 -19.55 -13.79
CA GLU B 96 -0.06 -19.06 -15.10
C GLU B 96 -0.73 -20.25 -15.78
N THR B 97 -1.98 -20.08 -16.20
CA THR B 97 -2.68 -21.11 -16.97
C THR B 97 -2.86 -20.65 -18.41
N ASN B 98 -2.39 -21.46 -19.36
CA ASN B 98 -2.65 -21.24 -20.77
C ASN B 98 -4.10 -21.62 -21.03
N LYS B 99 -4.86 -20.71 -21.62
CA LYS B 99 -6.31 -20.91 -21.75
C LYS B 99 -6.68 -21.84 -22.88
N ALA B 100 -5.83 -21.87 -23.91
CA ALA B 100 -5.99 -22.85 -24.99
C ALA B 100 -5.71 -24.26 -24.47
N THR B 101 -4.49 -24.51 -24.02
CA THR B 101 -4.05 -25.86 -23.62
C THR B 101 -4.51 -26.30 -22.22
N GLY B 102 -4.75 -25.35 -21.33
CA GLY B 102 -5.20 -25.65 -19.96
C GLY B 102 -4.06 -25.89 -18.99
N VAL B 103 -2.82 -25.93 -19.51
CA VAL B 103 -1.62 -26.22 -18.74
C VAL B 103 -1.26 -25.11 -17.74
N VAL B 104 -1.18 -25.47 -16.46
CA VAL B 104 -0.83 -24.55 -15.38
C VAL B 104 0.65 -24.66 -15.07
N THR B 105 1.36 -23.55 -15.12
CA THR B 105 2.80 -23.51 -14.79
C THR B 105 3.13 -22.38 -13.78
N PRO B 106 4.18 -22.56 -12.96
CA PRO B 106 4.60 -21.51 -12.01
C PRO B 106 5.09 -20.26 -12.72
N ALA B 107 4.88 -19.11 -12.09
CA ALA B 107 5.22 -17.82 -12.73
C ALA B 107 5.64 -16.76 -11.70
N ALA B 108 6.70 -16.03 -12.03
CA ALA B 108 7.21 -14.95 -11.19
C ALA B 108 7.65 -13.78 -12.08
N TYR B 109 7.26 -12.58 -11.66
CA TYR B 109 7.55 -11.33 -12.36
C TYR B 109 8.03 -10.29 -11.34
N GLN B 110 8.66 -9.25 -11.86
CA GLN B 110 9.11 -8.10 -11.09
C GLN B 110 8.74 -6.88 -11.90
N GLU B 111 8.34 -5.83 -11.20
CA GLU B 111 7.69 -4.67 -11.80
C GLU B 111 8.29 -3.37 -11.31
N LEU B 112 8.39 -2.39 -12.19
CA LEU B 112 8.75 -1.01 -11.82
C LEU B 112 7.63 -0.09 -12.27
N PHE B 113 7.06 0.68 -11.33
CA PHE B 113 6.04 1.68 -11.67
C PHE B 113 6.72 3.02 -11.53
N LEU B 114 6.57 3.85 -12.55
CA LEU B 114 6.90 5.26 -12.45
C LEU B 114 5.58 6.01 -12.36
N LEU B 115 5.33 6.66 -11.22
CA LEU B 115 4.04 7.27 -10.96
C LEU B 115 4.12 8.79 -11.04
N ARG B 116 3.02 9.39 -11.54
CA ARG B 116 2.91 10.83 -11.69
CA ARG B 116 2.90 10.84 -11.73
C ARG B 116 1.62 11.28 -11.03
N LYS B 117 1.69 12.40 -10.31
CA LYS B 117 0.55 12.95 -9.62
C LYS B 117 -0.22 13.85 -10.57
N SER B 118 -1.46 13.46 -10.90
CA SER B 118 -2.31 14.23 -11.81
C SER B 118 -2.55 15.65 -11.28
N ALA B 119 -3.02 16.52 -12.17
CA ALA B 119 -3.38 17.90 -11.80
C ALA B 119 -4.48 17.96 -10.72
N THR B 120 -5.30 16.91 -10.60
CA THR B 120 -6.30 16.85 -9.52
C THR B 120 -5.85 16.04 -8.29
N GLY B 121 -4.56 15.72 -8.21
CA GLY B 121 -3.95 15.14 -7.01
C GLY B 121 -3.88 13.62 -6.93
N SER B 122 -4.13 12.94 -8.04
CA SER B 122 -4.15 11.49 -8.07
C SER B 122 -2.89 10.89 -8.66
N TRP B 123 -2.39 9.85 -8.02
CA TRP B 123 -1.21 9.17 -8.51
C TRP B 123 -1.64 8.16 -9.56
N GLN B 124 -0.98 8.23 -10.71
CA GLN B 124 -1.27 7.38 -11.86
C GLN B 124 0.04 6.82 -12.38
N THR B 125 -0.02 5.65 -13.02
CA THR B 125 1.17 5.04 -13.58
C THR B 125 1.49 5.73 -14.92
N ALA B 126 2.65 6.38 -15.01
CA ALA B 126 3.01 7.07 -16.25
C ALA B 126 3.70 6.06 -17.13
N ARG B 127 4.70 5.35 -16.58
CA ARG B 127 5.47 4.31 -17.25
C ARG B 127 5.52 3.06 -16.38
N TYR B 128 5.42 1.89 -16.99
CA TYR B 128 5.44 0.63 -16.25
C TYR B 128 6.19 -0.45 -16.99
N CYS B 129 7.12 -1.12 -16.30
CA CYS B 129 7.89 -2.19 -16.90
CA CYS B 129 7.86 -2.23 -16.92
C CYS B 129 7.72 -3.45 -16.05
N THR B 130 7.49 -4.58 -16.69
CA THR B 130 7.42 -5.87 -16.02
C THR B 130 8.32 -6.85 -16.78
N SER B 131 9.15 -7.58 -16.03
CA SER B 131 10.06 -8.58 -16.59
CA SER B 131 10.02 -8.59 -16.62
C SER B 131 9.75 -9.94 -15.96
N LYS B 132 9.86 -11.01 -16.72
CA LYS B 132 9.58 -12.35 -16.21
C LYS B 132 10.84 -12.94 -15.59
N ILE B 133 10.75 -13.36 -14.32
CA ILE B 133 11.89 -13.96 -13.61
C ILE B 133 11.99 -15.44 -13.94
N SER B 134 10.84 -16.09 -14.06
CA SER B 134 10.80 -17.53 -14.24
C SER B 134 9.40 -17.97 -14.68
N PRO B 135 9.32 -19.02 -15.53
CA PRO B 135 10.47 -19.85 -15.99
C PRO B 135 11.46 -19.15 -16.91
N SER C 3 14.77 12.65 -2.53
CA SER C 3 13.84 11.48 -2.47
C SER C 3 13.49 10.97 -1.06
N LYS C 4 12.26 10.47 -0.93
CA LYS C 4 11.76 9.91 0.32
C LYS C 4 11.40 8.45 0.12
N ILE C 5 12.15 7.57 0.81
CA ILE C 5 11.93 6.12 0.84
C ILE C 5 10.96 5.77 1.99
N PHE C 6 9.94 4.98 1.67
CA PHE C 6 9.03 4.41 2.66
C PHE C 6 9.76 3.22 3.29
N ASN C 7 9.94 3.23 4.62
CA ASN C 7 10.46 2.05 5.34
C ASN C 7 9.80 0.77 4.81
N GLU C 8 10.64 -0.20 4.45
CA GLU C 8 10.18 -1.37 3.73
C GLU C 8 9.10 -2.14 4.52
N GLU C 9 9.25 -2.23 5.86
CA GLU C 9 8.26 -2.94 6.73
C GLU C 9 6.89 -2.28 6.75
N LEU C 10 6.87 -0.95 6.78
CA LEU C 10 5.65 -0.16 6.69
C LEU C 10 4.90 -0.42 5.38
N ALA C 11 5.64 -0.66 4.31
CA ALA C 11 5.05 -0.98 3.01
C ALA C 11 4.28 -2.29 3.04
N VAL C 12 4.84 -3.28 3.73
CA VAL C 12 4.29 -4.61 3.86
C VAL C 12 3.06 -4.61 4.81
N ILE C 13 3.12 -3.80 5.86
CA ILE C 13 2.05 -3.59 6.83
C ILE C 13 0.85 -2.96 6.13
N GLU C 14 1.10 -1.91 5.35
CA GLU C 14 0.05 -1.27 4.57
C GLU C 14 -0.61 -2.25 3.59
N ALA C 15 0.19 -3.06 2.92
CA ALA C 15 -0.29 -4.07 2.00
C ALA C 15 -1.25 -5.05 2.69
N ALA C 16 -0.98 -5.37 3.94
CA ALA C 16 -1.85 -6.24 4.76
C ALA C 16 -3.21 -5.59 5.11
N ALA C 17 -3.20 -4.32 5.53
CA ALA C 17 -4.44 -3.58 5.71
C ALA C 17 -5.23 -3.55 4.39
N ILE C 18 -4.55 -3.26 3.26
CA ILE C 18 -5.19 -3.16 1.96
C ILE C 18 -5.71 -4.52 1.48
N ALA C 19 -5.06 -5.63 1.87
CA ALA C 19 -5.57 -6.97 1.56
C ALA C 19 -6.97 -7.18 2.11
N TYR C 20 -7.20 -6.75 3.35
CA TYR C 20 -8.54 -6.73 3.94
C TYR C 20 -9.50 -5.88 3.16
N LEU C 21 -9.12 -4.63 2.91
CA LEU C 21 -10.01 -3.64 2.28
C LEU C 21 -10.52 -4.05 0.90
N THR C 22 -9.66 -4.69 0.13
CA THR C 22 -10.02 -5.14 -1.18
C THR C 22 -10.81 -6.43 -1.11
N ALA C 23 -10.42 -7.35 -0.22
CA ALA C 23 -11.24 -8.57 0.04
C ALA C 23 -12.66 -8.19 0.44
N PHE C 24 -12.80 -7.16 1.27
CA PHE C 24 -14.11 -6.69 1.71
C PHE C 24 -14.90 -6.09 0.53
N ASN C 25 -14.21 -5.31 -0.29
CA ASN C 25 -14.90 -4.63 -1.37
C ASN C 25 -15.28 -5.60 -2.51
N ARG C 26 -14.63 -6.76 -2.55
CA ARG C 26 -15.05 -7.91 -3.36
C ARG C 26 -16.11 -8.76 -2.66
N ALA C 27 -16.44 -8.44 -1.41
CA ALA C 27 -17.35 -9.27 -0.62
C ALA C 27 -16.90 -10.75 -0.56
N ASP C 28 -15.61 -10.99 -0.41
CA ASP C 28 -15.02 -12.30 -0.41
C ASP C 28 -14.75 -12.69 1.05
N ILE C 29 -15.67 -13.44 1.64
CA ILE C 29 -15.63 -13.72 3.07
C ILE C 29 -14.44 -14.58 3.50
N PRO C 30 -14.11 -15.68 2.80
CA PRO C 30 -12.91 -16.42 3.21
C PRO C 30 -11.61 -15.62 3.13
N ALA C 31 -11.48 -14.76 2.12
CA ALA C 31 -10.32 -13.87 2.00
C ALA C 31 -10.31 -12.82 3.12
N VAL C 32 -11.50 -12.34 3.50
CA VAL C 32 -11.62 -11.43 4.64
C VAL C 32 -11.18 -12.12 5.95
N ILE C 33 -11.75 -13.29 6.25
CA ILE C 33 -11.42 -14.05 7.45
C ILE C 33 -9.93 -14.35 7.54
N ALA C 34 -9.32 -14.68 6.41
CA ALA C 34 -7.92 -15.10 6.38
C ALA C 34 -6.96 -13.97 6.69
N THR C 35 -7.42 -12.72 6.63
CA THR C 35 -6.58 -11.57 7.00
C THR C 35 -6.44 -11.38 8.51
N TYR C 36 -7.26 -12.07 9.30
CA TYR C 36 -7.28 -11.92 10.75
C TYR C 36 -6.46 -13.00 11.45
N THR C 37 -5.91 -12.67 12.61
CA THR C 37 -5.37 -13.67 13.53
C THR C 37 -6.51 -14.62 13.95
N ASP C 38 -6.17 -15.76 14.55
CA ASP C 38 -7.19 -16.71 14.94
C ASP C 38 -8.09 -16.19 16.05
N ASP C 39 -7.57 -15.31 16.86
CA ASP C 39 -8.36 -14.72 17.92
C ASP C 39 -8.68 -13.25 17.62
N GLY C 40 -8.76 -12.93 16.32
CA GLY C 40 -9.02 -11.58 15.89
C GLY C 40 -10.37 -11.06 16.32
N VAL C 41 -10.47 -9.73 16.48
CA VAL C 41 -11.71 -9.08 16.92
C VAL C 41 -12.16 -8.03 15.89
N LEU C 42 -13.44 -8.06 15.53
CA LEU C 42 -14.10 -7.03 14.72
C LEU C 42 -15.05 -6.25 15.62
N GLY C 44 -17.72 -3.12 14.98
CA GLY C 44 -18.41 -2.42 13.90
C GLY C 44 -19.82 -2.06 14.29
N PRO C 45 -20.46 -1.14 13.54
CA PRO C 45 -21.69 -0.52 14.06
C PRO C 45 -22.84 -1.50 14.10
N GLY C 46 -23.69 -1.39 15.12
CA GLY C 46 -24.90 -2.19 15.21
C GLY C 46 -24.72 -3.59 15.76
N ARG C 47 -23.50 -3.95 16.14
CA ARG C 47 -23.21 -5.33 16.54
C ARG C 47 -22.19 -5.31 17.67
N PRO C 48 -22.33 -6.24 18.62
CA PRO C 48 -21.27 -6.41 19.62
C PRO C 48 -20.04 -7.03 18.97
N ALA C 49 -18.89 -6.94 19.64
CA ALA C 49 -17.63 -7.44 19.12
C ALA C 49 -17.73 -8.90 18.72
N ALA C 50 -17.19 -9.22 17.54
CA ALA C 50 -17.11 -10.59 17.05
C ALA C 50 -15.70 -11.04 17.37
N VAL C 51 -15.57 -12.06 18.21
CA VAL C 51 -14.27 -12.52 18.69
C VAL C 51 -13.97 -13.90 18.11
N GLY C 52 -12.92 -13.99 17.30
CA GLY C 52 -12.50 -15.28 16.73
C GLY C 52 -13.07 -15.48 15.34
N LYS C 53 -12.44 -16.34 14.54
CA LYS C 53 -12.83 -16.50 13.13
C LYS C 53 -14.26 -17.02 12.88
N ASP C 54 -14.77 -17.89 13.75
CA ASP C 54 -16.13 -18.36 13.61
C ASP C 54 -17.16 -17.22 13.75
N GLU C 55 -16.99 -16.39 14.79
CA GLU C 55 -17.85 -15.24 15.00
C GLU C 55 -17.67 -14.19 13.90
N LEU C 56 -16.41 -13.95 13.51
CA LEU C 56 -16.08 -13.01 12.44
C LEU C 56 -16.78 -13.34 11.15
N ALA C 57 -16.70 -14.62 10.77
CA ALA C 57 -17.32 -15.17 9.56
C ALA C 57 -18.84 -15.03 9.57
N GLU C 58 -19.46 -15.37 10.70
CA GLU C 58 -20.92 -15.21 10.84
C GLU C 58 -21.34 -13.75 10.67
N VAL C 59 -20.56 -12.79 11.19
CA VAL C 59 -20.94 -11.38 11.08
C VAL C 59 -20.78 -10.88 9.64
N TYR C 60 -19.66 -11.23 9.01
CA TYR C 60 -19.42 -10.77 7.62
C TYR C 60 -20.52 -11.32 6.69
N LEU C 61 -20.89 -12.58 6.89
CA LEU C 61 -21.91 -13.20 6.07
C LEU C 61 -23.24 -12.49 6.22
N SER C 62 -23.54 -12.04 7.43
CA SER C 62 -24.74 -11.27 7.68
C SER C 62 -24.72 -9.86 7.07
N VAL C 63 -23.57 -9.21 7.12
CA VAL C 63 -23.37 -7.91 6.47
C VAL C 63 -23.60 -8.02 4.95
N PHE C 64 -22.96 -9.01 4.31
CA PHE C 64 -23.05 -9.13 2.87
C PHE C 64 -24.39 -9.67 2.39
N GLU C 65 -25.08 -10.39 3.26
CA GLU C 65 -26.46 -10.78 2.98
C GLU C 65 -27.42 -9.58 2.96
N THR C 66 -27.15 -8.59 3.81
CA THR C 66 -28.06 -7.48 4.00
C THR C 66 -27.79 -6.32 3.05
N VAL C 67 -26.51 -6.00 2.91
CA VAL C 67 -26.07 -4.80 2.22
C VAL C 67 -25.00 -5.09 1.17
N GLY C 68 -25.08 -4.41 0.02
CA GLY C 68 -23.99 -4.37 -0.97
C GLY C 68 -23.21 -3.05 -0.87
N PHE C 69 -21.89 -3.14 -0.72
CA PHE C 69 -21.03 -1.96 -0.62
C PHE C 69 -20.30 -1.70 -1.93
N ASP C 70 -20.21 -0.43 -2.30
CA ASP C 70 -19.35 -0.03 -3.39
C ASP C 70 -18.49 1.13 -2.89
N ALA C 72 -14.58 3.15 -2.25
CA ALA C 72 -13.15 3.43 -2.41
C ALA C 72 -12.52 3.61 -1.01
N TYR C 73 -11.27 3.19 -0.87
CA TYR C 73 -10.56 3.31 0.42
C TYR C 73 -9.42 4.30 0.27
N GLU C 74 -8.93 4.78 1.40
CA GLU C 74 -7.87 5.75 1.44
C GLU C 74 -7.06 5.48 2.71
N ILE C 75 -5.74 5.29 2.59
CA ILE C 75 -4.86 5.03 3.74
C ILE C 75 -4.40 6.35 4.37
N LYS C 76 -4.67 6.50 5.67
CA LYS C 76 -4.46 7.77 6.37
C LYS C 76 -3.17 7.74 7.17
N GLU C 77 -2.84 6.60 7.77
CA GLU C 77 -1.51 6.44 8.39
C GLU C 77 -1.13 4.99 8.59
N VAL C 78 0.18 4.74 8.55
CA VAL C 78 0.79 3.45 8.77
C VAL C 78 1.90 3.65 9.81
N VAL C 79 1.76 3.03 10.98
CA VAL C 79 2.75 3.15 12.05
C VAL C 79 3.10 1.76 12.59
N GLN C 80 4.40 1.45 12.59
CA GLN C 80 4.92 0.25 13.24
C GLN C 80 5.35 0.66 14.62
N THR C 81 4.87 -0.03 15.64
CA THR C 81 5.17 0.39 17.03
C THR C 81 6.28 -0.46 17.71
N SER C 82 6.41 -1.71 17.26
CA SER C 82 7.44 -2.62 17.72
C SER C 82 7.68 -3.62 16.59
N ALA C 83 8.65 -4.51 16.79
CA ALA C 83 9.01 -5.50 15.76
C ALA C 83 7.79 -6.21 15.20
N ASP C 84 6.85 -6.56 16.08
CA ASP C 84 5.70 -7.42 15.75
C ASP C 84 4.33 -6.76 15.81
N TRP C 85 4.29 -5.44 15.98
CA TRP C 85 3.02 -4.73 16.09
C TRP C 85 3.02 -3.46 15.29
N ALA C 86 1.87 -3.14 14.71
CA ALA C 86 1.69 -1.95 13.90
C ALA C 86 0.20 -1.57 13.93
N PHE C 87 -0.08 -0.34 13.53
CA PHE C 87 -1.46 0.09 13.26
C PHE C 87 -1.56 0.85 11.93
N VAL C 88 -2.71 0.68 11.30
CA VAL C 88 -3.08 1.39 10.12
C VAL C 88 -4.42 2.09 10.36
N ARG C 89 -4.50 3.31 9.86
CA ARG C 89 -5.75 4.04 9.89
C ARG C 89 -6.19 4.32 8.46
N SER C 90 -7.46 4.08 8.16
CA SER C 90 -7.99 4.30 6.83
C SER C 90 -9.39 4.91 6.86
N ALA C 91 -9.88 5.29 5.68
CA ALA C 91 -11.24 5.81 5.47
C ALA C 91 -11.77 5.19 4.16
N THR C 92 -13.07 4.87 4.13
CA THR C 92 -13.76 4.39 2.93
C THR C 92 -14.99 5.26 2.64
N GLU C 93 -15.31 5.43 1.36
CA GLU C 93 -16.53 6.14 1.00
C GLU C 93 -17.08 5.64 -0.34
N GLY C 94 -18.40 5.73 -0.48
CA GLY C 94 -19.04 5.23 -1.67
C GLY C 94 -20.51 5.04 -1.42
N THR C 95 -21.07 3.92 -1.88
CA THR C 95 -22.49 3.67 -1.70
C THR C 95 -22.73 2.35 -0.94
N GLU C 96 -23.93 2.25 -0.39
CA GLU C 96 -24.45 1.11 0.32
C GLU C 96 -25.82 0.84 -0.32
N THR C 97 -26.06 -0.36 -0.84
CA THR C 97 -27.40 -0.75 -1.32
C THR C 97 -28.02 -1.75 -0.33
N ASN C 98 -29.26 -1.49 0.09
CA ASN C 98 -30.02 -2.47 0.90
C ASN C 98 -30.53 -3.56 -0.03
N LYS C 99 -30.18 -4.81 0.24
CA LYS C 99 -30.52 -5.88 -0.70
C LYS C 99 -32.00 -6.24 -0.67
N ALA C 100 -32.69 -5.92 0.44
CA ALA C 100 -34.14 -6.13 0.52
C ALA C 100 -34.85 -5.09 -0.34
N THR C 101 -34.63 -3.82 -0.02
CA THR C 101 -35.39 -2.71 -0.61
C THR C 101 -34.81 -2.16 -1.92
N GLY C 102 -33.52 -2.37 -2.17
CA GLY C 102 -32.85 -1.88 -3.37
C GLY C 102 -32.35 -0.44 -3.26
N VAL C 103 -32.59 0.19 -2.12
CA VAL C 103 -32.25 1.60 -1.87
C VAL C 103 -30.73 1.85 -1.74
N VAL C 104 -30.19 2.65 -2.67
CA VAL C 104 -28.78 3.05 -2.65
C VAL C 104 -28.62 4.35 -1.87
N THR C 105 -27.73 4.34 -0.88
CA THR C 105 -27.40 5.55 -0.12
C THR C 105 -25.89 5.76 -0.01
N PRO C 106 -25.45 7.02 0.11
CA PRO C 106 -24.04 7.30 0.28
C PRO C 106 -23.56 6.80 1.63
N ALA C 107 -22.32 6.33 1.70
CA ALA C 107 -21.77 5.78 2.93
C ALA C 107 -20.28 6.09 3.04
N ALA C 108 -19.83 6.28 4.28
CA ALA C 108 -18.48 6.68 4.62
C ALA C 108 -18.15 6.08 6.00
N TYR C 109 -16.98 5.47 6.12
CA TYR C 109 -16.50 4.83 7.36
C TYR C 109 -15.03 5.18 7.55
N GLN C 110 -14.57 5.02 8.78
CA GLN C 110 -13.17 5.19 9.14
C GLN C 110 -12.77 3.97 9.96
N GLU C 111 -11.54 3.50 9.77
CA GLU C 111 -11.10 2.20 10.25
C GLU C 111 -9.75 2.24 10.96
N LEU C 112 -9.62 1.47 12.04
CA LEU C 112 -8.37 1.29 12.77
C LEU C 112 -8.04 -0.18 12.78
N PHE C 113 -6.85 -0.50 12.24
CA PHE C 113 -6.30 -1.84 12.24
C PHE C 113 -5.19 -1.88 13.26
N LEU C 114 -5.25 -2.84 14.17
CA LEU C 114 -4.08 -3.29 14.93
C LEU C 114 -3.59 -4.55 14.27
N LEU C 115 -2.37 -4.53 13.79
CA LEU C 115 -1.78 -5.66 13.06
C LEU C 115 -0.63 -6.26 13.89
N ARG C 116 -0.55 -7.60 13.89
CA ARG C 116 0.48 -8.38 14.61
C ARG C 116 1.19 -9.22 13.57
N LYS C 117 2.52 -9.15 13.54
CA LYS C 117 3.33 -10.02 12.69
C LYS C 117 3.38 -11.41 13.30
N SER C 118 3.09 -12.45 12.51
CA SER C 118 2.99 -13.82 12.98
C SER C 118 4.35 -14.49 13.20
N ALA C 119 4.35 -15.72 13.71
CA ALA C 119 5.57 -16.50 13.91
C ALA C 119 6.27 -16.85 12.59
N THR C 120 5.51 -16.91 11.49
CA THR C 120 6.08 -17.11 10.15
C THR C 120 6.30 -15.76 9.45
N GLY C 121 6.02 -14.67 10.13
CA GLY C 121 6.41 -13.33 9.67
C GLY C 121 5.40 -12.59 8.82
N SER C 122 4.17 -13.09 8.74
CA SER C 122 3.10 -12.42 7.97
CA SER C 122 3.12 -12.40 7.96
C SER C 122 2.29 -11.52 8.88
N TRP C 123 1.97 -10.32 8.40
CA TRP C 123 1.18 -9.35 9.16
C TRP C 123 -0.30 -9.68 9.05
N GLN C 124 -0.95 -9.78 10.20
CA GLN C 124 -2.39 -10.10 10.26
C GLN C 124 -3.11 -9.08 11.11
N THR C 125 -4.43 -8.97 10.94
CA THR C 125 -5.24 -8.05 11.77
C THR C 125 -5.62 -8.74 13.06
N ALA C 126 -5.14 -8.18 14.17
CA ALA C 126 -5.43 -8.71 15.50
C ALA C 126 -6.75 -8.07 16.00
N ARG C 127 -6.86 -6.76 15.86
CA ARG C 127 -8.04 -6.02 16.28
C ARG C 127 -8.40 -5.01 15.22
N TYR C 128 -9.70 -4.91 14.93
CA TYR C 128 -10.20 -3.95 13.94
C TYR C 128 -11.47 -3.26 14.41
N CYS C 129 -11.54 -1.93 14.23
CA CYS C 129 -12.72 -1.17 14.58
CA CYS C 129 -12.76 -1.20 14.53
C CYS C 129 -13.08 -0.28 13.37
N THR C 130 -14.39 -0.18 13.08
CA THR C 130 -14.89 0.71 12.06
C THR C 130 -16.13 1.45 12.59
N SER C 131 -16.13 2.78 12.45
CA SER C 131 -17.30 3.58 12.72
C SER C 131 -17.78 4.28 11.44
N LYS C 132 -19.10 4.38 11.31
CA LYS C 132 -19.77 5.06 10.21
C LYS C 132 -19.74 6.58 10.42
N ILE C 133 -19.12 7.31 9.50
CA ILE C 133 -19.08 8.77 9.53
C ILE C 133 -20.42 9.38 9.09
N SER C 134 -21.08 8.72 8.15
CA SER C 134 -22.25 9.27 7.49
C SER C 134 -22.98 8.23 6.64
N PRO C 135 -24.32 8.39 6.51
CA PRO C 135 -25.07 9.50 7.13
C PRO C 135 -25.31 9.27 8.62
N PHE D 6 5.66 -9.76 38.18
CA PHE D 6 4.54 -9.55 37.20
C PHE D 6 4.82 -8.43 36.18
N ASN D 7 3.89 -8.25 35.25
CA ASN D 7 3.94 -7.09 34.40
C ASN D 7 3.21 -5.94 35.07
N GLU D 8 4.01 -5.01 35.57
CA GLU D 8 3.56 -3.97 36.49
C GLU D 8 2.85 -2.85 35.76
N GLU D 9 2.92 -2.91 34.42
CA GLU D 9 2.34 -1.89 33.60
C GLU D 9 0.89 -2.20 33.24
N LEU D 10 0.45 -3.44 33.34
CA LEU D 10 -0.90 -3.78 32.88
C LEU D 10 -2.01 -3.07 33.65
N ALA D 11 -1.91 -3.09 34.97
CA ALA D 11 -2.84 -2.33 35.85
C ALA D 11 -2.79 -0.81 35.62
N VAL D 12 -1.61 -0.32 35.23
CA VAL D 12 -1.39 1.09 34.97
C VAL D 12 -1.97 1.49 33.61
N ILE D 13 -1.85 0.61 32.62
CA ILE D 13 -2.42 0.77 31.26
C ILE D 13 -3.95 0.81 31.38
N GLU D 14 -4.48 -0.15 32.13
CA GLU D 14 -5.91 -0.24 32.37
C GLU D 14 -6.43 1.00 33.08
N ALA D 15 -5.68 1.48 34.05
CA ALA D 15 -6.10 2.62 34.86
C ALA D 15 -6.27 3.87 33.99
N ALA D 16 -5.39 4.05 33.00
CA ALA D 16 -5.47 5.13 32.01
C ALA D 16 -6.70 5.07 31.09
N ALA D 17 -7.05 3.89 30.59
CA ALA D 17 -8.31 3.70 29.88
C ALA D 17 -9.48 4.06 30.83
N ILE D 18 -9.45 3.52 32.06
CA ILE D 18 -10.54 3.74 33.01
C ILE D 18 -10.67 5.23 33.33
N ALA D 19 -9.54 5.93 33.42
CA ALA D 19 -9.56 7.39 33.67
C ALA D 19 -10.20 8.19 32.51
N TYR D 20 -10.05 7.73 31.27
CA TYR D 20 -10.82 8.34 30.19
C TYR D 20 -12.28 8.03 30.38
N LEU D 21 -12.61 6.75 30.55
CA LEU D 21 -14.00 6.31 30.59
C LEU D 21 -14.76 7.02 31.69
N THR D 22 -14.14 7.19 32.86
CA THR D 22 -14.78 7.88 33.98
C THR D 22 -14.83 9.40 33.75
N ALA D 23 -13.78 9.98 33.15
CA ALA D 23 -13.76 11.41 32.79
C ALA D 23 -14.81 11.70 31.72
N PHE D 24 -14.94 10.80 30.74
CA PHE D 24 -16.01 10.93 29.78
C PHE D 24 -17.40 10.94 30.44
N ASN D 25 -17.67 9.97 31.31
CA ASN D 25 -18.96 9.85 31.99
C ASN D 25 -19.28 11.00 32.97
N ARG D 26 -18.26 11.71 33.44
CA ARG D 26 -18.50 12.98 34.17
C ARG D 26 -18.63 14.16 33.22
N ALA D 27 -18.49 13.93 31.91
CA ALA D 27 -18.51 15.01 30.92
C ALA D 27 -17.48 16.11 31.24
N ASP D 28 -16.35 15.72 31.81
CA ASP D 28 -15.26 16.60 32.18
C ASP D 28 -14.30 16.68 30.98
N ILE D 29 -14.46 17.70 30.14
CA ILE D 29 -13.75 17.77 28.86
C ILE D 29 -12.22 17.98 29.01
N PRO D 30 -11.78 18.87 29.91
CA PRO D 30 -10.32 18.95 30.17
C PRO D 30 -9.68 17.63 30.63
N ALA D 31 -10.34 16.93 31.56
CA ALA D 31 -9.87 15.60 31.98
C ALA D 31 -9.85 14.68 30.79
N VAL D 32 -10.87 14.70 29.95
CA VAL D 32 -10.86 13.88 28.72
C VAL D 32 -9.71 14.21 27.77
N ILE D 33 -9.51 15.49 27.46
CA ILE D 33 -8.40 15.94 26.60
C ILE D 33 -7.04 15.55 27.18
N ALA D 34 -6.94 15.56 28.51
CA ALA D 34 -5.69 15.32 29.22
C ALA D 34 -5.20 13.88 29.08
N THR D 35 -6.13 12.95 28.81
CA THR D 35 -5.80 11.53 28.66
C THR D 35 -5.15 11.21 27.29
N TYR D 36 -5.23 12.13 26.33
CA TYR D 36 -4.74 11.89 24.97
C TYR D 36 -3.32 12.40 24.77
N THR D 37 -2.57 11.78 23.87
CA THR D 37 -1.33 12.38 23.39
C THR D 37 -1.63 13.69 22.62
N ASP D 38 -0.58 14.47 22.35
CA ASP D 38 -0.75 15.73 21.65
C ASP D 38 -1.25 15.51 20.23
N ASP D 39 -0.79 14.43 19.62
CA ASP D 39 -1.20 14.06 18.27
C ASP D 39 -2.34 13.02 18.27
N GLY D 40 -3.06 12.90 19.39
CA GLY D 40 -4.15 11.94 19.56
C GLY D 40 -5.22 12.00 18.50
N VAL D 41 -5.76 10.83 18.13
CA VAL D 41 -6.86 10.74 17.18
C VAL D 41 -8.11 10.08 17.82
N LEU D 42 -9.26 10.73 17.66
CA LEU D 42 -10.57 10.19 18.04
C LEU D 42 -11.34 9.84 16.81
N GLY D 44 -15.09 8.37 16.10
CA GLY D 44 -16.40 8.00 16.59
C GLY D 44 -17.48 8.19 15.54
N PRO D 45 -18.71 7.72 15.84
CA PRO D 45 -19.72 7.72 14.78
C PRO D 45 -20.20 9.12 14.42
N GLY D 46 -20.51 9.32 13.13
CA GLY D 46 -21.15 10.53 12.67
C GLY D 46 -20.22 11.70 12.44
N ARG D 47 -18.93 11.48 12.59
CA ARG D 47 -17.92 12.55 12.52
C ARG D 47 -16.64 11.98 11.92
N PRO D 48 -15.94 12.77 11.09
CA PRO D 48 -14.62 12.32 10.66
C PRO D 48 -13.56 12.39 11.79
N ALA D 49 -12.46 11.63 11.63
CA ALA D 49 -11.42 11.54 12.66
C ALA D 49 -10.95 12.91 13.13
N ALA D 50 -10.93 13.13 14.45
CA ALA D 50 -10.43 14.38 15.02
C ALA D 50 -8.98 14.15 15.39
N VAL D 51 -8.06 14.87 14.77
CA VAL D 51 -6.63 14.65 14.94
C VAL D 51 -6.01 15.81 15.69
N GLY D 52 -5.44 15.56 16.87
CA GLY D 52 -4.78 16.60 17.68
C GLY D 52 -5.70 17.14 18.76
N LYS D 53 -5.14 17.67 19.85
CA LYS D 53 -5.97 18.11 20.97
C LYS D 53 -6.94 19.25 20.62
N ASP D 54 -6.55 20.14 19.71
CA ASP D 54 -7.47 21.18 19.25
C ASP D 54 -8.75 20.57 18.64
N GLU D 55 -8.58 19.73 17.60
CA GLU D 55 -9.72 19.02 16.99
C GLU D 55 -10.49 18.17 17.99
N LEU D 56 -9.76 17.40 18.80
CA LEU D 56 -10.34 16.62 19.90
C LEU D 56 -11.30 17.45 20.80
N ALA D 57 -10.84 18.62 21.24
CA ALA D 57 -11.63 19.51 22.13
C ALA D 57 -12.94 19.94 21.46
N GLU D 58 -12.83 20.37 20.20
CA GLU D 58 -13.97 20.74 19.35
CA GLU D 58 -14.01 20.79 19.47
C GLU D 58 -15.03 19.66 19.35
N VAL D 59 -14.60 18.43 19.03
CA VAL D 59 -15.55 17.32 18.92
C VAL D 59 -16.21 17.00 20.24
N TYR D 60 -15.41 16.91 21.30
CA TYR D 60 -15.96 16.55 22.60
C TYR D 60 -16.92 17.62 23.10
N LEU D 61 -16.60 18.89 22.90
CA LEU D 61 -17.51 19.97 23.27
C LEU D 61 -18.84 19.83 22.53
N SER D 62 -18.75 19.65 21.22
CA SER D 62 -19.90 19.39 20.37
C SER D 62 -20.73 18.18 20.82
N VAL D 63 -20.07 17.05 21.13
CA VAL D 63 -20.77 15.88 21.68
C VAL D 63 -21.63 16.26 22.91
N PHE D 64 -21.02 16.85 23.93
CA PHE D 64 -21.74 17.15 25.18
C PHE D 64 -22.69 18.33 25.09
N GLU D 65 -22.48 19.20 24.11
CA GLU D 65 -23.44 20.22 23.79
C GLU D 65 -24.74 19.58 23.27
N THR D 66 -24.61 18.44 22.58
CA THR D 66 -25.74 17.81 21.87
C THR D 66 -26.41 16.70 22.67
N VAL D 67 -25.59 15.91 23.36
CA VAL D 67 -26.03 14.67 24.01
C VAL D 67 -25.53 14.53 25.48
N GLY D 68 -26.37 13.97 26.34
CA GLY D 68 -25.95 13.53 27.66
C GLY D 68 -25.86 12.00 27.74
N PHE D 69 -24.73 11.50 28.23
CA PHE D 69 -24.53 10.06 28.38
C PHE D 69 -24.52 9.63 29.85
N ASP D 70 -25.28 8.59 30.13
CA ASP D 70 -25.30 7.95 31.43
C ASP D 70 -24.84 6.52 31.24
N ALA D 72 -22.24 2.95 32.16
CA ALA D 72 -21.32 2.10 32.89
C ALA D 72 -20.44 1.42 31.85
N TYR D 73 -19.20 1.09 32.24
CA TYR D 73 -18.23 0.46 31.36
C TYR D 73 -17.83 -0.94 31.81
N GLU D 74 -17.32 -1.74 30.87
CA GLU D 74 -16.73 -3.03 31.17
C GLU D 74 -15.44 -3.13 30.38
N ILE D 75 -14.35 -3.52 31.03
CA ILE D 75 -13.06 -3.67 30.36
C ILE D 75 -12.98 -5.11 29.89
N LYS D 76 -12.73 -5.30 28.60
CA LYS D 76 -12.74 -6.61 27.99
C LYS D 76 -11.33 -7.20 27.91
N GLU D 77 -10.34 -6.36 27.57
CA GLU D 77 -8.96 -6.82 27.54
C GLU D 77 -7.98 -5.68 27.67
N VAL D 78 -6.82 -6.01 28.27
CA VAL D 78 -5.70 -5.08 28.42
C VAL D 78 -4.49 -5.83 27.94
N VAL D 79 -3.85 -5.38 26.85
CA VAL D 79 -2.66 -6.07 26.34
C VAL D 79 -1.51 -5.08 26.17
N GLN D 80 -0.34 -5.41 26.71
CA GLN D 80 0.88 -4.65 26.47
C GLN D 80 1.61 -5.33 25.32
N THR D 81 1.91 -4.57 24.26
CA THR D 81 2.49 -5.13 23.07
C THR D 81 4.01 -4.89 23.04
N SER D 82 4.48 -3.80 23.65
CA SER D 82 5.90 -3.54 23.79
C SER D 82 6.12 -2.64 24.99
N ALA D 83 7.37 -2.24 25.23
CA ALA D 83 7.71 -1.37 26.37
C ALA D 83 6.81 -0.14 26.45
N ASP D 84 6.58 0.52 25.32
CA ASP D 84 5.87 1.80 25.27
C ASP D 84 4.49 1.79 24.63
N TRP D 85 3.96 0.61 24.32
CA TRP D 85 2.67 0.49 23.63
C TRP D 85 1.82 -0.60 24.20
N ALA D 86 0.51 -0.32 24.25
CA ALA D 86 -0.48 -1.25 24.73
C ALA D 86 -1.82 -1.00 24.05
N PHE D 87 -2.75 -1.94 24.20
CA PHE D 87 -4.13 -1.62 23.85
C PHE D 87 -5.13 -2.14 24.87
N VAL D 88 -6.27 -1.47 24.88
CA VAL D 88 -7.38 -1.80 25.76
C VAL D 88 -8.67 -1.84 24.96
N ARG D 89 -9.47 -2.86 25.19
CA ARG D 89 -10.78 -2.97 24.60
C ARG D 89 -11.79 -2.92 25.72
N SER D 90 -12.81 -2.08 25.55
CA SER D 90 -13.90 -1.97 26.51
C SER D 90 -15.24 -1.89 25.81
N ALA D 91 -16.32 -1.94 26.60
CA ALA D 91 -17.69 -1.66 26.15
C ALA D 91 -18.35 -0.84 27.23
N THR D 92 -19.34 -0.05 26.84
CA THR D 92 -20.08 0.78 27.77
C THR D 92 -21.55 0.66 27.44
N GLU D 93 -22.41 0.81 28.42
CA GLU D 93 -23.82 0.77 28.13
C GLU D 93 -24.56 1.57 29.15
N GLY D 94 -25.74 2.04 28.77
CA GLY D 94 -26.53 2.90 29.63
C GLY D 94 -27.59 3.61 28.83
N THR D 95 -27.73 4.91 29.06
CA THR D 95 -28.68 5.73 28.31
C THR D 95 -28.00 6.92 27.64
N GLU D 96 -28.68 7.44 26.62
CA GLU D 96 -28.28 8.62 25.89
C GLU D 96 -29.47 9.56 25.84
N THR D 97 -29.29 10.79 26.32
CA THR D 97 -30.33 11.80 26.24
C THR D 97 -29.99 12.86 25.19
N ASN D 98 -30.98 13.19 24.37
CA ASN D 98 -30.80 14.22 23.35
C ASN D 98 -31.11 15.55 24.04
N LYS D 99 -30.10 16.41 24.14
CA LYS D 99 -30.26 17.65 24.88
C LYS D 99 -31.26 18.61 24.23
N ALA D 100 -31.43 18.53 22.91
CA ALA D 100 -32.47 19.34 22.23
C ALA D 100 -33.88 18.89 22.63
N THR D 101 -34.22 17.64 22.31
CA THR D 101 -35.57 17.10 22.46
C THR D 101 -35.90 16.61 23.89
N GLY D 102 -34.87 16.22 24.64
CA GLY D 102 -35.04 15.66 25.99
C GLY D 102 -35.30 14.15 26.01
N VAL D 103 -35.33 13.53 24.84
CA VAL D 103 -35.63 12.10 24.69
C VAL D 103 -34.44 11.23 25.15
N VAL D 104 -34.72 10.30 26.08
CA VAL D 104 -33.73 9.37 26.60
C VAL D 104 -33.90 8.02 25.91
N THR D 105 -32.82 7.48 25.38
CA THR D 105 -32.88 6.17 24.75
C THR D 105 -31.69 5.33 25.19
N PRO D 106 -31.83 3.99 25.16
CA PRO D 106 -30.70 3.13 25.52
C PRO D 106 -29.57 3.23 24.51
N ALA D 107 -28.34 3.07 25.01
CA ALA D 107 -27.16 3.18 24.16
C ALA D 107 -26.09 2.20 24.65
N ALA D 108 -25.39 1.60 23.69
CA ALA D 108 -24.28 0.73 23.98
C ALA D 108 -23.19 1.04 22.96
N TYR D 109 -21.94 1.13 23.41
CA TYR D 109 -20.79 1.34 22.52
C TYR D 109 -19.69 0.35 22.85
N GLN D 110 -18.74 0.22 21.93
CA GLN D 110 -17.54 -0.62 22.11
C GLN D 110 -16.34 0.21 21.69
N GLU D 111 -15.26 0.12 22.47
CA GLU D 111 -14.10 1.02 22.37
C GLU D 111 -12.76 0.30 22.29
N LEU D 112 -11.89 0.77 21.39
CA LEU D 112 -10.50 0.33 21.30
C LEU D 112 -9.59 1.55 21.59
N PHE D 113 -8.71 1.38 22.57
CA PHE D 113 -7.67 2.34 22.90
C PHE D 113 -6.31 1.81 22.43
N LEU D 114 -5.55 2.64 21.75
CA LEU D 114 -4.10 2.41 21.54
C LEU D 114 -3.38 3.41 22.43
N LEU D 115 -2.65 2.91 23.40
CA LEU D 115 -2.02 3.77 24.40
C LEU D 115 -0.50 3.73 24.22
N ARG D 116 0.11 4.91 24.41
CA ARG D 116 1.55 5.09 24.31
C ARG D 116 2.10 5.60 25.65
N LYS D 117 3.17 4.96 26.12
CA LYS D 117 3.88 5.39 27.31
C LYS D 117 4.73 6.62 26.98
N SER D 118 4.50 7.72 27.70
CA SER D 118 5.22 8.97 27.46
C SER D 118 6.66 8.90 27.96
N ALA D 119 7.45 9.88 27.56
CA ALA D 119 8.86 9.96 27.93
C ALA D 119 9.03 10.01 29.45
N THR D 120 7.99 10.47 30.15
CA THR D 120 7.98 10.52 31.62
C THR D 120 7.27 9.35 32.32
N GLY D 121 6.96 8.27 31.60
CA GLY D 121 6.41 7.03 32.19
C GLY D 121 4.88 6.91 32.28
N SER D 122 4.18 7.90 31.75
CA SER D 122 2.75 8.01 31.91
C SER D 122 2.06 7.51 30.65
N TRP D 123 1.00 6.72 30.82
CA TRP D 123 0.28 6.12 29.69
C TRP D 123 -0.84 7.02 29.18
N GLN D 124 -0.84 7.25 27.86
CA GLN D 124 -1.80 8.16 27.23
C GLN D 124 -2.43 7.51 26.01
N THR D 125 -3.64 7.94 25.66
CA THR D 125 -4.33 7.40 24.47
C THR D 125 -3.77 8.04 23.22
N ALA D 126 -3.13 7.23 22.39
CA ALA D 126 -2.57 7.70 21.09
C ALA D 126 -3.67 7.71 20.03
N ARG D 127 -4.47 6.67 20.01
CA ARG D 127 -5.53 6.50 18.99
C ARG D 127 -6.70 5.86 19.65
N TYR D 128 -7.91 6.30 19.29
CA TYR D 128 -9.12 5.76 19.92
C TYR D 128 -10.25 5.66 18.94
N CYS D 129 -10.91 4.50 18.88
CA CYS D 129 -12.09 4.30 18.05
CA CYS D 129 -12.13 4.37 18.08
C CYS D 129 -13.24 3.82 18.94
N THR D 130 -14.43 4.36 18.72
CA THR D 130 -15.64 3.92 19.41
C THR D 130 -16.72 3.70 18.33
N SER D 131 -17.44 2.57 18.39
CA SER D 131 -18.63 2.35 17.54
C SER D 131 -19.86 2.02 18.37
N LYS D 132 -21.00 2.42 17.84
CA LYS D 132 -22.28 2.24 18.49
C LYS D 132 -22.77 0.83 18.15
N ILE D 133 -22.96 0.03 19.19
CA ILE D 133 -23.54 -1.30 19.11
C ILE D 133 -25.05 -1.20 18.92
N SER D 134 -25.66 -0.35 19.73
CA SER D 134 -27.09 -0.41 19.97
C SER D 134 -27.65 0.90 19.50
N PRO D 135 -28.71 0.84 18.68
CA PRO D 135 -28.93 1.61 17.46
C PRO D 135 -29.31 3.05 17.78
#